data_7RGS
#
_entry.id   7RGS
#
_cell.length_a   55.559
_cell.length_b   81.772
_cell.length_c   49.419
_cell.angle_alpha   90.000
_cell.angle_beta   90.000
_cell.angle_gamma   90.000
#
_symmetry.space_group_name_H-M   'P 21 21 2'
#
loop_
_entity.id
_entity.type
_entity.pdbx_description
1 polymer 'Repressor of competence, RNA Chaperone'
2 water water
#
_entity_poly.entity_id   1
_entity_poly.type   'polypeptide(L)'
_entity_poly.pdbx_seq_one_letter_code
;GPLGSARSDALLWLAANFPEAFDNSLRIRPLKIGIMSDILQHAEKAEQVGVSKSKLREAVVLFTRRLDYLACLKAREVRI
DLHGNPVAEVTEEEAENASMKIKKRVEK
;
_entity_poly.pdbx_strand_id   A,B
#
# COMPACT_ATOMS: atom_id res chain seq x y z
N GLY A 1 18.31 2.61 3.42
CA GLY A 1 18.23 2.79 1.98
C GLY A 1 17.74 4.16 1.59
N PRO A 2 17.57 4.41 0.30
CA PRO A 2 17.04 5.71 -0.13
C PRO A 2 15.61 5.91 0.37
N LEU A 3 15.29 7.13 0.73
CA LEU A 3 13.95 7.48 1.14
C LEU A 3 13.33 8.39 0.09
N GLY A 4 12.04 8.17 -0.21
CA GLY A 4 11.38 8.87 -1.29
C GLY A 4 10.98 10.30 -0.95
N SER A 5 10.75 11.07 -2.02
CA SER A 5 10.55 12.50 -1.88
C SER A 5 9.33 12.83 -1.01
N ALA A 6 8.23 12.07 -1.15
CA ALA A 6 7.07 12.23 -0.28
C ALA A 6 6.78 10.89 0.41
N ARG A 7 6.73 10.89 1.75
CA ARG A 7 6.62 9.64 2.48
C ARG A 7 6.05 9.88 3.87
N SER A 8 5.56 8.80 4.49
CA SER A 8 5.22 8.80 5.92
C SER A 8 6.24 7.94 6.66
N ASP A 9 7.22 8.60 7.29
CA ASP A 9 8.20 7.88 8.10
C ASP A 9 7.53 7.08 9.21
N ALA A 10 6.39 7.55 9.72
CA ALA A 10 5.70 6.81 10.76
C ALA A 10 5.08 5.53 10.20
N LEU A 11 4.48 5.60 9.03
CA LEU A 11 3.92 4.39 8.43
C LEU A 11 5.02 3.44 7.97
N LEU A 12 6.16 3.96 7.51
CA LEU A 12 7.30 3.09 7.22
C LEU A 12 7.77 2.35 8.47
N TRP A 13 7.78 3.05 9.60
CA TRP A 13 8.18 2.43 10.87
C TRP A 13 7.19 1.34 11.27
N LEU A 14 5.89 1.65 11.18
CA LEU A 14 4.86 0.66 11.52
C LEU A 14 4.94 -0.57 10.62
N ALA A 15 5.13 -0.37 9.31
CA ALA A 15 5.22 -1.51 8.41
C ALA A 15 6.49 -2.32 8.67
N ALA A 16 7.56 -1.67 9.11
CA ALA A 16 8.78 -2.42 9.42
C ALA A 16 8.63 -3.21 10.71
N ASN A 17 8.02 -2.61 11.72
CA ASN A 17 7.99 -3.20 13.05
C ASN A 17 6.77 -4.08 13.29
N PHE A 18 5.64 -3.81 12.63
CA PHE A 18 4.45 -4.64 12.76
C PHE A 18 3.95 -5.03 11.37
N PRO A 19 4.73 -5.83 10.64
CA PRO A 19 4.33 -6.18 9.25
C PRO A 19 3.01 -6.94 9.18
N GLU A 20 2.64 -7.71 10.21
CA GLU A 20 1.38 -8.45 10.13
C GLU A 20 0.20 -7.52 9.95
N ALA A 21 0.28 -6.32 10.51
CA ALA A 21 -0.77 -5.31 10.41
C ALA A 21 -0.56 -4.33 9.26
N PHE A 22 0.67 -3.90 9.00
CA PHE A 22 0.89 -2.74 8.14
C PHE A 22 1.74 -3.00 6.90
N ASP A 23 2.19 -4.24 6.67
CA ASP A 23 2.82 -4.58 5.39
C ASP A 23 1.77 -5.14 4.44
N ASN A 24 1.39 -4.35 3.44
CA ASN A 24 0.42 -4.81 2.46
C ASN A 24 1.07 -5.17 1.11
N SER A 25 2.34 -5.59 1.16
CA SER A 25 3.03 -6.01 -0.06
C SER A 25 2.29 -7.15 -0.77
N LEU A 26 1.61 -8.02 -0.02
CA LEU A 26 0.82 -9.10 -0.62
C LEU A 26 -0.67 -8.97 -0.36
N ARG A 27 -1.06 -8.58 0.86
CA ARG A 27 -2.47 -8.54 1.21
C ARG A 27 -2.66 -7.51 2.33
N ILE A 28 -3.92 -7.15 2.56
CA ILE A 28 -4.29 -6.20 3.60
C ILE A 28 -5.45 -6.81 4.38
N ARG A 29 -5.48 -6.57 5.68
CA ARG A 29 -6.47 -7.22 6.54
C ARG A 29 -7.08 -6.22 7.50
N PRO A 30 -8.34 -6.42 7.88
CA PRO A 30 -8.97 -5.52 8.84
C PRO A 30 -8.19 -5.53 10.15
N LEU A 31 -8.13 -4.37 10.78
CA LEU A 31 -7.38 -4.20 12.01
C LEU A 31 -8.33 -4.19 13.21
N LYS A 32 -7.81 -4.72 14.32
CA LYS A 32 -8.50 -4.65 15.60
C LYS A 32 -9.06 -3.25 15.85
N ILE A 33 -10.29 -3.19 16.35
CA ILE A 33 -10.83 -1.92 16.83
C ILE A 33 -10.01 -1.47 18.03
N GLY A 34 -9.49 -0.25 17.97
CA GLY A 34 -8.67 0.27 19.04
C GLY A 34 -7.20 -0.10 18.96
N ILE A 35 -6.73 -0.55 17.81
CA ILE A 35 -5.32 -0.89 17.66
C ILE A 35 -4.41 0.31 17.91
N MET A 36 -4.96 1.54 17.83
CA MET A 36 -4.14 2.72 18.10
C MET A 36 -3.54 2.67 19.51
N SER A 37 -4.32 2.26 20.52
CA SER A 37 -3.79 2.21 21.87
C SER A 37 -2.70 1.16 21.99
N ASP A 38 -2.86 0.01 21.32
CA ASP A 38 -1.81 -1.00 21.28
C ASP A 38 -0.52 -0.43 20.69
N ILE A 39 -0.63 0.31 19.57
CA ILE A 39 0.53 0.94 18.96
C ILE A 39 1.20 1.91 19.91
N LEU A 40 0.40 2.73 20.60
CA LEU A 40 0.96 3.77 21.47
C LEU A 40 1.78 3.20 22.62
N GLN A 41 1.57 1.94 22.98
CA GLN A 41 2.43 1.32 23.99
C GLN A 41 3.88 1.22 23.52
N HIS A 42 4.12 1.29 22.20
CA HIS A 42 5.45 1.19 21.63
C HIS A 42 6.04 2.55 21.28
N ALA A 43 5.45 3.63 21.79
CA ALA A 43 5.81 4.98 21.37
C ALA A 43 7.26 5.32 21.69
N GLU A 44 7.79 4.75 22.77
CA GLU A 44 9.17 5.07 23.17
C GLU A 44 10.16 4.65 22.09
N LYS A 45 10.02 3.44 21.54
CA LYS A 45 10.95 3.00 20.51
C LYS A 45 10.81 3.85 19.26
N ALA A 46 9.58 4.25 18.90
CA ALA A 46 9.40 5.14 17.76
C ALA A 46 10.04 6.50 18.01
N GLU A 47 9.93 7.01 19.24
CA GLU A 47 10.46 8.34 19.51
C GLU A 47 11.98 8.35 19.38
N GLN A 48 12.63 7.21 19.64
CA GLN A 48 14.08 7.12 19.49
C GLN A 48 14.53 7.34 18.05
N VAL A 49 13.67 7.08 17.07
CA VAL A 49 14.00 7.36 15.69
C VAL A 49 13.19 8.57 15.18
N GLY A 50 12.74 9.43 16.08
CA GLY A 50 12.10 10.67 15.70
C GLY A 50 10.66 10.57 15.25
N VAL A 51 9.98 9.46 15.53
CA VAL A 51 8.59 9.29 15.15
C VAL A 51 7.71 9.61 16.35
N SER A 52 6.89 10.64 16.21
CA SER A 52 6.06 11.18 17.29
C SER A 52 4.73 10.43 17.41
N LYS A 53 4.12 10.53 18.60
CA LYS A 53 2.82 9.92 18.81
C LYS A 53 1.79 10.44 17.82
N SER A 54 1.84 11.75 17.53
N SER A 54 1.84 11.75 17.54
CA SER A 54 0.89 12.32 16.57
CA SER A 54 0.92 12.34 16.57
C SER A 54 1.14 11.80 15.16
C SER A 54 1.14 11.78 15.17
N LYS A 55 2.39 11.55 14.79
CA LYS A 55 2.66 11.01 13.46
C LYS A 55 2.24 9.55 13.37
N LEU A 56 2.39 8.80 14.46
CA LEU A 56 1.84 7.44 14.49
C LEU A 56 0.33 7.45 14.28
N ARG A 57 -0.38 8.36 14.95
CA ARG A 57 -1.81 8.48 14.71
C ARG A 57 -2.10 8.86 13.27
N GLU A 58 -1.32 9.79 12.73
CA GLU A 58 -1.46 10.18 11.33
C GLU A 58 -1.26 8.98 10.40
N ALA A 59 -0.26 8.16 10.67
CA ALA A 59 0.03 7.00 9.82
C ALA A 59 -1.12 6.02 9.82
N VAL A 60 -1.73 5.78 10.99
CA VAL A 60 -2.85 4.86 11.05
C VAL A 60 -4.05 5.40 10.28
N VAL A 61 -4.28 6.72 10.35
CA VAL A 61 -5.36 7.33 9.57
C VAL A 61 -5.10 7.14 8.08
N LEU A 62 -3.87 7.42 7.64
CA LEU A 62 -3.50 7.21 6.24
C LEU A 62 -3.78 5.77 5.80
N PHE A 63 -3.29 4.80 6.57
CA PHE A 63 -3.44 3.39 6.22
C PHE A 63 -4.92 3.04 6.06
N THR A 64 -5.74 3.40 7.05
CA THR A 64 -7.11 2.90 7.12
C THR A 64 -8.07 3.70 6.25
N ARG A 65 -7.62 4.73 5.55
CA ARG A 65 -8.47 5.38 4.58
C ARG A 65 -8.10 4.98 3.16
N ARG A 66 -7.09 4.12 3.00
CA ARG A 66 -6.79 3.56 1.69
C ARG A 66 -8.01 2.85 1.14
N LEU A 67 -8.31 3.06 -0.14
CA LEU A 67 -9.41 2.34 -0.74
C LEU A 67 -9.27 0.83 -0.54
N ASP A 68 -8.05 0.32 -0.58
CA ASP A 68 -7.87 -1.12 -0.45
C ASP A 68 -8.17 -1.59 0.97
N TYR A 69 -7.91 -0.75 1.97
CA TYR A 69 -8.33 -1.08 3.33
C TYR A 69 -9.84 -1.06 3.43
N LEU A 70 -10.48 0.02 2.96
CA LEU A 70 -11.93 0.12 3.06
C LEU A 70 -12.61 -1.06 2.37
N ALA A 71 -12.03 -1.53 1.27
CA ALA A 71 -12.62 -2.63 0.51
C ALA A 71 -12.46 -3.98 1.20
N CYS A 72 -11.49 -4.12 2.12
CA CYS A 72 -11.30 -5.38 2.83
C CYS A 72 -12.23 -5.51 4.04
N LEU A 73 -12.94 -4.43 4.38
CA LEU A 73 -13.87 -4.42 5.51
C LEU A 73 -15.24 -4.92 5.06
N LYS A 74 -15.29 -6.22 4.78
CA LYS A 74 -16.53 -6.91 4.45
C LYS A 74 -17.02 -7.65 5.69
N ALA A 75 -18.34 -7.73 5.83
CA ALA A 75 -18.92 -8.49 6.94
C ALA A 75 -18.29 -9.87 7.04
N ARG A 76 -17.98 -10.26 8.28
CA ARG A 76 -17.47 -11.56 8.71
C ARG A 76 -15.98 -11.70 8.47
N GLU A 77 -15.33 -10.77 7.75
CA GLU A 77 -13.87 -10.78 7.65
C GLU A 77 -13.24 -10.62 9.03
N VAL A 78 -12.04 -11.17 9.18
CA VAL A 78 -11.37 -11.30 10.47
C VAL A 78 -10.53 -10.05 10.77
N ARG A 79 -10.72 -9.46 11.95
CA ARG A 79 -9.85 -8.38 12.40
C ARG A 79 -8.65 -8.95 13.15
N ILE A 80 -7.50 -8.30 12.98
N ILE A 80 -7.47 -8.38 12.89
CA ILE A 80 -6.21 -8.80 13.40
CA ILE A 80 -6.23 -8.87 13.47
C ILE A 80 -5.53 -7.78 14.31
C ILE A 80 -5.62 -7.80 14.37
N ASP A 81 -4.79 -8.26 15.31
CA ASP A 81 -4.02 -7.36 16.16
C ASP A 81 -2.66 -7.05 15.50
N LEU A 82 -1.80 -6.31 16.21
CA LEU A 82 -0.53 -5.87 15.63
C LEU A 82 0.35 -7.03 15.21
N HIS A 83 0.14 -8.21 15.77
CA HIS A 83 0.95 -9.38 15.49
C HIS A 83 0.24 -10.41 14.64
N GLY A 84 -0.90 -10.05 14.04
CA GLY A 84 -1.61 -10.96 13.18
C GLY A 84 -2.52 -11.95 13.88
N ASN A 85 -2.77 -11.80 15.18
CA ASN A 85 -3.70 -12.70 15.84
C ASN A 85 -5.14 -12.29 15.52
N PRO A 86 -6.03 -13.24 15.24
CA PRO A 86 -7.45 -12.93 15.07
C PRO A 86 -8.11 -12.53 16.38
N VAL A 87 -8.92 -11.47 16.35
CA VAL A 87 -9.52 -10.96 17.59
C VAL A 87 -11.03 -10.78 17.47
N ALA A 88 -11.54 -10.52 16.28
CA ALA A 88 -12.94 -10.16 16.11
C ALA A 88 -13.31 -10.28 14.64
N GLU A 89 -14.60 -10.06 14.35
CA GLU A 89 -15.13 -10.01 12.99
C GLU A 89 -15.55 -8.59 12.66
N VAL A 90 -15.42 -8.24 11.37
CA VAL A 90 -16.08 -7.06 10.85
C VAL A 90 -17.59 -7.28 10.89
N THR A 91 -18.32 -6.35 11.50
CA THR A 91 -19.77 -6.43 11.58
C THR A 91 -20.43 -5.86 10.34
N GLU A 92 -21.74 -6.14 10.21
CA GLU A 92 -22.50 -5.66 9.06
C GLU A 92 -22.57 -4.13 9.05
N GLU A 93 -22.65 -3.50 10.23
CA GLU A 93 -22.69 -2.04 10.28
C GLU A 93 -21.33 -1.45 9.93
N GLU A 94 -20.25 -2.10 10.37
CA GLU A 94 -18.91 -1.67 9.96
C GLU A 94 -18.71 -1.80 8.46
N ALA A 95 -19.16 -2.92 7.88
CA ALA A 95 -19.09 -3.11 6.43
C ALA A 95 -19.87 -2.02 5.69
N GLU A 96 -21.12 -1.79 6.11
CA GLU A 96 -21.93 -0.76 5.47
C GLU A 96 -21.23 0.61 5.51
N ASN A 97 -20.71 0.97 6.67
CA ASN A 97 -20.00 2.24 6.81
C ASN A 97 -18.79 2.33 5.87
N ALA A 98 -18.10 1.22 5.64
CA ALA A 98 -16.94 1.22 4.75
C ALA A 98 -17.37 1.33 3.29
N SER A 99 -18.45 0.64 2.90
N SER A 99 -18.45 0.64 2.90
CA SER A 99 -18.92 0.71 1.53
CA SER A 99 -18.91 0.71 1.53
C SER A 99 -19.39 2.12 1.17
C SER A 99 -19.41 2.11 1.17
N MET A 100 -20.03 2.81 2.13
CA MET A 100 -20.46 4.17 1.87
C MET A 100 -19.26 5.11 1.67
N LYS A 101 -18.22 4.96 2.50
CA LYS A 101 -17.00 5.74 2.32
C LYS A 101 -16.39 5.51 0.94
N ILE A 102 -16.32 4.25 0.51
CA ILE A 102 -15.76 3.94 -0.81
C ILE A 102 -16.60 4.58 -1.90
N LYS A 103 -17.92 4.41 -1.83
CA LYS A 103 -18.79 4.95 -2.86
C LYS A 103 -18.62 6.47 -2.96
N LYS A 104 -18.50 7.14 -1.81
CA LYS A 104 -18.29 8.59 -1.83
C LYS A 104 -16.91 8.96 -2.36
N ARG A 105 -15.89 8.14 -2.09
CA ARG A 105 -14.55 8.41 -2.60
C ARG A 105 -14.48 8.22 -4.11
N VAL A 106 -15.24 7.28 -4.65
CA VAL A 106 -15.13 6.90 -6.06
C VAL A 106 -16.13 7.61 -6.96
N GLU A 107 -17.25 8.10 -6.41
CA GLU A 107 -18.24 8.87 -7.17
C GLU A 107 -17.61 9.95 -8.05
N GLY B 1 14.25 -6.07 10.47
CA GLY B 1 13.19 -6.44 11.38
C GLY B 1 12.50 -7.74 11.03
N PRO B 2 11.28 -7.93 11.51
CA PRO B 2 10.56 -9.17 11.24
C PRO B 2 9.91 -9.16 9.86
N LEU B 3 9.77 -10.36 9.30
CA LEU B 3 9.13 -10.57 8.02
C LEU B 3 7.70 -11.03 8.24
N GLY B 4 6.75 -10.42 7.52
CA GLY B 4 5.37 -10.84 7.65
C GLY B 4 5.15 -12.23 7.08
N SER B 5 4.21 -12.95 7.70
CA SER B 5 3.95 -14.34 7.34
C SER B 5 3.49 -14.47 5.88
N ALA B 6 2.74 -13.49 5.38
CA ALA B 6 2.37 -13.44 3.97
C ALA B 6 2.81 -12.08 3.45
N ARG B 7 3.75 -12.09 2.50
CA ARG B 7 4.37 -10.88 2.00
C ARG B 7 4.86 -11.16 0.59
N SER B 8 5.17 -10.09 -0.13
CA SER B 8 5.84 -10.16 -1.41
C SER B 8 7.22 -9.54 -1.21
N ASP B 9 8.23 -10.41 -1.08
CA ASP B 9 9.61 -9.93 -0.98
C ASP B 9 9.99 -9.13 -2.22
N ALA B 10 9.47 -9.50 -3.38
CA ALA B 10 9.76 -8.73 -4.59
C ALA B 10 9.24 -7.30 -4.49
N LEU B 11 7.99 -7.13 -4.03
CA LEU B 11 7.43 -5.79 -3.94
C LEU B 11 8.11 -4.99 -2.83
N LEU B 12 8.45 -5.66 -1.72
CA LEU B 12 9.24 -5.00 -0.69
C LEU B 12 10.57 -4.52 -1.24
N TRP B 13 11.21 -5.36 -2.06
CA TRP B 13 12.48 -4.98 -2.67
C TRP B 13 12.29 -3.78 -3.59
N LEU B 14 11.21 -3.77 -4.37
CA LEU B 14 10.93 -2.64 -5.24
C LEU B 14 10.73 -1.36 -4.43
N ALA B 15 9.90 -1.42 -3.39
CA ALA B 15 9.68 -0.23 -2.56
C ALA B 15 10.97 0.22 -1.88
N ALA B 16 11.83 -0.73 -1.48
CA ALA B 16 13.07 -0.38 -0.78
C ALA B 16 14.07 0.27 -1.71
N ASN B 17 14.15 -0.20 -2.95
CA ASN B 17 15.16 0.26 -3.89
C ASN B 17 14.66 1.34 -4.84
N PHE B 18 13.37 1.40 -5.11
CA PHE B 18 12.80 2.45 -5.96
C PHE B 18 11.59 3.05 -5.25
N PRO B 19 11.81 3.72 -4.11
CA PRO B 19 10.67 4.28 -3.36
C PRO B 19 9.87 5.32 -4.13
N GLU B 20 10.49 6.09 -5.02
CA GLU B 20 9.71 7.06 -5.78
C GLU B 20 8.56 6.40 -6.53
N ALA B 21 8.77 5.19 -7.00
CA ALA B 21 7.74 4.47 -7.72
C ALA B 21 6.89 3.57 -6.81
N PHE B 22 7.50 2.93 -5.82
CA PHE B 22 6.81 1.84 -5.15
C PHE B 22 6.62 2.02 -3.65
N ASP B 23 7.10 3.11 -3.05
CA ASP B 23 6.79 3.40 -1.65
C ASP B 23 5.42 4.06 -1.58
N ASN B 24 4.45 3.34 -1.00
N ASN B 24 4.46 3.33 -1.01
CA ASN B 24 3.09 3.82 -0.87
CA ASN B 24 3.08 3.76 -0.85
C ASN B 24 2.82 4.43 0.51
C ASN B 24 2.83 4.49 0.48
N SER B 25 3.87 4.67 1.30
CA SER B 25 3.65 5.11 2.69
C SER B 25 2.82 6.39 2.77
N LEU B 26 2.96 7.31 1.80
CA LEU B 26 2.15 8.52 1.76
C LEU B 26 1.19 8.58 0.58
N ARG B 27 1.68 8.39 -0.64
CA ARG B 27 0.83 8.48 -1.82
C ARG B 27 1.49 7.72 -2.94
N ILE B 28 0.72 7.40 -3.98
CA ILE B 28 1.32 6.79 -5.15
C ILE B 28 0.86 7.54 -6.39
N ARG B 29 1.62 7.36 -7.46
CA ARG B 29 1.51 8.13 -8.68
C ARG B 29 1.51 7.18 -9.86
N PRO B 30 0.93 7.60 -10.99
CA PRO B 30 0.89 6.70 -12.17
C PRO B 30 2.30 6.30 -12.59
N LEU B 31 2.44 5.04 -13.02
CA LEU B 31 3.73 4.52 -13.45
C LEU B 31 3.86 4.55 -14.98
N LYS B 32 5.08 4.77 -15.43
CA LYS B 32 5.43 4.59 -16.84
C LYS B 32 4.87 3.28 -17.39
N ILE B 33 4.21 3.37 -18.54
CA ILE B 33 3.75 2.16 -19.21
C ILE B 33 4.97 1.39 -19.70
N GLY B 34 5.07 0.13 -19.32
CA GLY B 34 6.27 -0.62 -19.64
C GLY B 34 7.40 -0.42 -18.66
N ILE B 35 7.12 0.07 -17.45
CA ILE B 35 8.14 0.16 -16.42
C ILE B 35 8.70 -1.22 -16.07
N MET B 36 7.91 -2.28 -16.32
CA MET B 36 8.39 -3.64 -16.11
C MET B 36 9.76 -3.86 -16.77
N SER B 37 9.93 -3.34 -17.98
N SER B 37 9.94 -3.34 -17.98
CA SER B 37 11.18 -3.52 -18.72
CA SER B 37 11.19 -3.55 -18.69
C SER B 37 12.34 -2.85 -18.00
C SER B 37 12.35 -2.85 -18.00
N ASP B 38 12.10 -1.67 -17.42
CA ASP B 38 13.15 -1.00 -16.67
C ASP B 38 13.51 -1.76 -15.40
N ILE B 39 12.51 -2.38 -14.76
CA ILE B 39 12.79 -3.16 -13.57
C ILE B 39 13.67 -4.35 -13.92
N LEU B 40 13.37 -5.02 -15.02
CA LEU B 40 14.13 -6.21 -15.37
C LEU B 40 15.58 -5.88 -15.71
N GLN B 41 15.91 -4.61 -15.96
CA GLN B 41 17.32 -4.22 -16.09
C GLN B 41 18.07 -4.36 -14.77
N HIS B 42 17.35 -4.46 -13.64
CA HIS B 42 17.95 -4.68 -12.32
C HIS B 42 17.81 -6.13 -11.85
N ALA B 43 17.47 -7.05 -12.76
CA ALA B 43 17.22 -8.44 -12.34
C ALA B 43 18.42 -9.03 -11.63
N GLU B 44 19.64 -8.67 -12.07
CA GLU B 44 20.83 -9.27 -11.48
C GLU B 44 20.93 -8.93 -9.99
N LYS B 45 20.78 -7.65 -9.65
CA LYS B 45 20.85 -7.24 -8.24
C LYS B 45 19.77 -7.90 -7.41
N ALA B 46 18.55 -8.02 -7.95
CA ALA B 46 17.48 -8.67 -7.19
C ALA B 46 17.74 -10.17 -7.06
N GLU B 47 18.23 -10.80 -8.13
CA GLU B 47 18.56 -12.22 -8.06
C GLU B 47 19.59 -12.49 -6.97
N GLN B 48 20.42 -11.49 -6.65
CA GLN B 48 21.46 -11.69 -5.64
C GLN B 48 20.91 -11.72 -4.23
N VAL B 49 19.71 -11.20 -4.00
CA VAL B 49 19.05 -11.34 -2.71
C VAL B 49 17.87 -12.30 -2.81
N GLY B 50 17.83 -13.12 -3.85
CA GLY B 50 16.83 -14.16 -3.94
C GLY B 50 15.51 -13.74 -4.54
N VAL B 51 15.46 -12.64 -5.29
CA VAL B 51 14.23 -12.15 -5.90
C VAL B 51 14.30 -12.44 -7.41
N SER B 52 13.42 -13.32 -7.88
CA SER B 52 13.44 -13.76 -9.27
C SER B 52 12.70 -12.79 -10.19
N LYS B 53 12.92 -12.96 -11.50
CA LYS B 53 12.21 -12.11 -12.47
C LYS B 53 10.71 -12.37 -12.41
N SER B 54 10.30 -13.62 -12.21
N SER B 54 10.32 -13.63 -12.24
CA SER B 54 8.87 -13.91 -12.13
CA SER B 54 8.91 -13.98 -12.09
C SER B 54 8.25 -13.22 -10.91
C SER B 54 8.28 -13.23 -10.92
N LYS B 55 8.95 -13.24 -9.77
CA LYS B 55 8.42 -12.57 -8.60
C LYS B 55 8.38 -11.06 -8.81
N LEU B 56 9.34 -10.49 -9.54
CA LEU B 56 9.28 -9.07 -9.86
C LEU B 56 8.05 -8.77 -10.71
N ARG B 57 7.80 -9.60 -11.74
CA ARG B 57 6.63 -9.41 -12.58
C ARG B 57 5.34 -9.52 -11.77
N GLU B 58 5.26 -10.49 -10.86
CA GLU B 58 4.07 -10.62 -10.01
C GLU B 58 3.89 -9.36 -9.17
N ALA B 59 4.99 -8.81 -8.65
CA ALA B 59 4.91 -7.66 -7.75
C ALA B 59 4.35 -6.42 -8.45
N VAL B 60 4.71 -6.19 -9.71
CA VAL B 60 4.18 -5.04 -10.43
C VAL B 60 2.68 -5.23 -10.70
N VAL B 61 2.26 -6.46 -11.01
CA VAL B 61 0.83 -6.72 -11.19
C VAL B 61 0.08 -6.46 -9.89
N LEU B 62 0.59 -6.99 -8.76
CA LEU B 62 0.00 -6.74 -7.45
C LEU B 62 -0.13 -5.25 -7.16
N PHE B 63 0.95 -4.50 -7.35
CA PHE B 63 0.94 -3.07 -7.09
C PHE B 63 -0.08 -2.35 -7.96
N THR B 64 -0.09 -2.65 -9.27
CA THR B 64 -0.93 -1.86 -10.16
C THR B 64 -2.40 -2.28 -10.14
N ARG B 65 -2.75 -3.37 -9.46
CA ARG B 65 -4.16 -3.72 -9.28
C ARG B 65 -4.76 -3.16 -7.99
N ARG B 66 -3.96 -2.54 -7.13
CA ARG B 66 -4.52 -1.88 -5.96
C ARG B 66 -5.53 -0.83 -6.39
N LEU B 67 -6.67 -0.77 -5.69
CA LEU B 67 -7.62 0.30 -5.95
C LEU B 67 -6.96 1.66 -5.84
N ASP B 68 -6.09 1.85 -4.84
CA ASP B 68 -5.44 3.15 -4.69
C ASP B 68 -4.54 3.46 -5.88
N TYR B 69 -3.97 2.44 -6.54
CA TYR B 69 -3.28 2.71 -7.79
C TYR B 69 -4.26 3.09 -8.88
N LEU B 70 -5.35 2.34 -9.01
CA LEU B 70 -6.38 2.67 -9.99
C LEU B 70 -6.91 4.10 -9.79
N ALA B 71 -7.10 4.51 -8.53
CA ALA B 71 -7.67 5.83 -8.28
C ALA B 71 -6.71 6.96 -8.62
N CYS B 72 -5.41 6.69 -8.66
CA CYS B 72 -4.47 7.76 -8.99
C CYS B 72 -4.36 8.00 -10.49
N LEU B 73 -4.94 7.13 -11.31
CA LEU B 73 -4.83 7.22 -12.77
C LEU B 73 -5.88 8.21 -13.30
N LYS B 74 -5.64 9.49 -13.01
CA LYS B 74 -6.50 10.58 -13.41
C LYS B 74 -5.93 11.26 -14.65
N ALA B 75 -6.83 11.68 -15.55
CA ALA B 75 -6.40 12.30 -16.80
C ALA B 75 -5.42 13.44 -16.52
N ARG B 76 -4.34 13.48 -17.31
CA ARG B 76 -3.30 14.50 -17.31
C ARG B 76 -2.34 14.40 -16.14
N GLU B 77 -2.52 13.48 -15.20
CA GLU B 77 -1.49 13.25 -14.20
C GLU B 77 -0.27 12.61 -14.85
N VAL B 78 0.90 12.95 -14.35
CA VAL B 78 2.17 12.51 -14.92
C VAL B 78 2.45 11.06 -14.54
N ARG B 79 2.95 10.29 -15.50
CA ARG B 79 3.51 8.97 -15.23
C ARG B 79 5.00 9.11 -14.97
N ILE B 80 5.49 8.38 -13.97
CA ILE B 80 6.89 8.51 -13.53
C ILE B 80 7.64 7.23 -13.85
N ASP B 81 8.96 7.36 -13.96
CA ASP B 81 9.82 6.19 -14.06
C ASP B 81 10.19 5.74 -12.65
N LEU B 82 11.12 4.78 -12.54
CA LEU B 82 11.49 4.19 -11.25
C LEU B 82 12.04 5.21 -10.27
N HIS B 83 12.51 6.36 -10.75
CA HIS B 83 13.13 7.37 -9.90
C HIS B 83 12.31 8.62 -9.79
N GLY B 84 11.05 8.57 -10.21
CA GLY B 84 10.15 9.70 -10.05
C GLY B 84 10.23 10.74 -11.12
N ASN B 85 11.00 10.51 -12.19
CA ASN B 85 11.07 11.44 -13.29
C ASN B 85 9.80 11.36 -14.14
N PRO B 86 9.29 12.49 -14.62
CA PRO B 86 8.11 12.48 -15.50
C PRO B 86 8.49 12.01 -16.89
N VAL B 87 7.78 10.99 -17.39
CA VAL B 87 8.06 10.46 -18.71
C VAL B 87 6.86 10.49 -19.64
N ALA B 88 5.64 10.51 -19.11
CA ALA B 88 4.43 10.55 -19.94
C ALA B 88 3.27 11.05 -19.09
N GLU B 89 2.06 10.93 -19.60
CA GLU B 89 0.87 11.36 -18.87
C GLU B 89 -0.21 10.29 -18.98
N VAL B 90 -1.14 10.33 -18.02
CA VAL B 90 -2.35 9.55 -18.11
C VAL B 90 -3.30 10.23 -19.10
N THR B 91 -3.77 9.48 -20.08
CA THR B 91 -4.76 9.99 -21.02
C THR B 91 -6.17 9.88 -20.44
N GLU B 92 -7.10 10.59 -21.08
CA GLU B 92 -8.52 10.44 -20.76
C GLU B 92 -8.98 8.99 -20.89
N GLU B 93 -8.46 8.28 -21.90
CA GLU B 93 -8.88 6.91 -22.13
C GLU B 93 -8.35 5.97 -21.05
N GLU B 94 -7.09 6.12 -20.69
CA GLU B 94 -6.55 5.34 -19.58
C GLU B 94 -7.27 5.69 -18.29
N ALA B 95 -7.66 6.95 -18.12
CA ALA B 95 -8.36 7.36 -16.90
C ALA B 95 -9.74 6.71 -16.82
N GLU B 96 -10.44 6.63 -17.96
CA GLU B 96 -11.77 6.00 -17.98
C GLU B 96 -11.69 4.52 -17.72
N ASN B 97 -10.70 3.83 -18.31
N ASN B 97 -10.71 3.83 -18.31
CA ASN B 97 -10.54 2.41 -18.06
CA ASN B 97 -10.56 2.40 -18.05
C ASN B 97 -10.25 2.14 -16.59
C ASN B 97 -10.27 2.14 -16.57
N ALA B 98 -9.46 3.00 -15.94
CA ALA B 98 -9.21 2.84 -14.52
C ALA B 98 -10.48 3.06 -13.71
N SER B 99 -11.26 4.11 -14.04
CA SER B 99 -12.56 4.35 -13.40
C SER B 99 -13.46 3.12 -13.47
N MET B 100 -13.54 2.50 -14.65
CA MET B 100 -14.44 1.37 -14.83
C MET B 100 -14.01 0.16 -14.02
N LYS B 101 -12.69 -0.09 -13.94
CA LYS B 101 -12.20 -1.19 -13.13
C LYS B 101 -12.57 -1.01 -11.65
N ILE B 102 -12.41 0.22 -11.14
CA ILE B 102 -12.79 0.50 -9.76
C ILE B 102 -14.27 0.21 -9.55
N LYS B 103 -15.12 0.78 -10.41
CA LYS B 103 -16.56 0.60 -10.26
C LYS B 103 -16.92 -0.88 -10.23
N LYS B 104 -16.38 -1.65 -11.17
CA LYS B 104 -16.69 -3.08 -11.21
C LYS B 104 -16.26 -3.78 -9.93
N ARG B 105 -15.14 -3.36 -9.35
CA ARG B 105 -14.66 -4.07 -8.17
C ARG B 105 -15.38 -3.66 -6.89
N VAL B 106 -15.88 -2.41 -6.81
CA VAL B 106 -16.62 -1.99 -5.64
C VAL B 106 -18.13 -2.21 -5.77
N GLU B 107 -18.60 -2.67 -6.92
CA GLU B 107 -20.04 -2.98 -7.06
C GLU B 107 -20.41 -4.26 -6.32
#